data_4G2S
#
_entry.id   4G2S
#
_cell.length_a   33.940
_cell.length_b   120.580
_cell.length_c   78.280
_cell.angle_alpha   90.000
_cell.angle_beta   96.700
_cell.angle_gamma   90.000
#
_symmetry.space_group_name_H-M   'P 1 21 1'
#
loop_
_entity.id
_entity.type
_entity.pdbx_description
1 polymer 'Protein prgH'
2 non-polymer 'CALCIUM ION'
3 water water
#
_entity_poly.entity_id   1
_entity_poly.type   'polypeptide(L)'
_entity_poly.pdbx_seq_one_letter_code
;GSSPGPYIVRLLNSSLNGCEFPLLTGRTLFVVGQSDALTASGQLPDIPADSFFIPLDHGGVNFEIQVDTDATEIILHELK
EGNSESRSVQLNTPIQVGELLILIRPESEPW
;
_entity_poly.pdbx_strand_id   A,B,C,D,E,F
#
loop_
_chem_comp.id
_chem_comp.type
_chem_comp.name
_chem_comp.formula
CA non-polymer 'CALCIUM ION' 'Ca 2'
#
# COMPACT_ATOMS: atom_id res chain seq x y z
N PRO A 6 -14.66 29.42 2.71
CA PRO A 6 -14.26 28.39 3.63
C PRO A 6 -12.76 28.54 3.99
N TYR A 7 -12.24 27.57 4.75
CA TYR A 7 -11.00 27.75 5.42
C TYR A 7 -10.07 26.60 5.09
N ILE A 8 -8.78 26.85 5.25
CA ILE A 8 -7.76 25.88 4.92
C ILE A 8 -6.87 25.76 6.13
N VAL A 9 -6.41 24.52 6.43
CA VAL A 9 -5.37 24.36 7.41
C VAL A 9 -4.08 24.20 6.65
N ARG A 10 -3.11 25.05 6.98
CA ARG A 10 -1.76 24.97 6.51
C ARG A 10 -0.80 24.52 7.62
N LEU A 11 0.02 23.56 7.27
CA LEU A 11 1.10 23.11 8.19
C LEU A 11 2.28 24.05 8.11
N LEU A 12 2.83 24.46 9.23
CA LEU A 12 3.94 25.41 9.22
C LEU A 12 5.23 24.77 9.71
N ASN A 13 5.16 23.51 10.10
CA ASN A 13 6.28 22.64 10.38
C ASN A 13 5.91 21.19 10.04
N SER A 14 6.70 20.24 10.54
CA SER A 14 6.61 18.81 10.14
C SER A 14 7.22 18.57 8.74
N SER A 15 7.36 17.29 8.40
CA SER A 15 7.84 16.87 7.08
C SER A 15 6.87 17.26 5.95
N LEU A 16 5.64 17.57 6.32
CA LEU A 16 4.62 18.04 5.39
C LEU A 16 4.43 19.58 5.44
N ASN A 17 5.40 20.28 6.00
CA ASN A 17 5.40 21.77 5.97
C ASN A 17 4.99 22.31 4.60
N GLY A 18 3.94 23.13 4.64
CA GLY A 18 3.42 23.81 3.47
C GLY A 18 2.14 23.13 2.94
N CYS A 19 1.86 21.88 3.38
CA CYS A 19 0.63 21.17 2.97
C CYS A 19 -0.60 21.93 3.47
N GLU A 20 -1.61 21.98 2.62
CA GLU A 20 -2.82 22.78 2.89
C GLU A 20 -4.02 21.87 2.77
N PHE A 21 -4.80 21.77 3.83
CA PHE A 21 -5.93 20.87 3.86
C PHE A 21 -7.22 21.69 3.96
N PRO A 22 -8.18 21.38 3.08
CA PRO A 22 -9.43 22.13 3.12
C PRO A 22 -10.24 21.66 4.30
N LEU A 23 -10.91 22.58 4.96
CA LEU A 23 -11.78 22.22 6.06
C LEU A 23 -13.23 22.24 5.60
N LEU A 24 -13.95 21.22 5.97
CA LEU A 24 -15.42 21.27 5.76
C LEU A 24 -16.13 21.91 6.92
N THR A 25 -17.32 22.43 6.64
CA THR A 25 -18.18 22.88 7.71
C THR A 25 -18.36 21.70 8.62
N GLY A 26 -18.28 21.96 9.93
CA GLY A 26 -18.39 20.89 10.90
C GLY A 26 -17.02 20.54 11.47
N ARG A 27 -16.80 19.25 11.73
CA ARG A 27 -15.64 18.73 12.46
C ARG A 27 -14.69 18.03 11.51
N THR A 28 -13.41 18.45 11.50
CA THR A 28 -12.35 17.74 10.80
C THR A 28 -11.33 17.24 11.83
N LEU A 29 -11.05 15.96 11.76
CA LEU A 29 -9.99 15.26 12.55
C LEU A 29 -8.62 15.21 11.86
N PHE A 30 -7.63 15.55 12.65
CA PHE A 30 -6.23 15.44 12.34
C PHE A 30 -5.60 14.45 13.31
N VAL A 31 -5.11 13.34 12.77
CA VAL A 31 -4.38 12.35 13.53
C VAL A 31 -2.93 12.62 13.23
N VAL A 32 -2.15 12.84 14.30
CA VAL A 32 -0.80 13.33 14.23
C VAL A 32 0.11 12.39 15.06
N GLY A 33 1.05 11.75 14.38
CA GLY A 33 1.87 10.77 15.05
C GLY A 33 2.74 9.94 14.13
N GLN A 34 3.16 8.80 14.67
CA GLN A 34 4.10 7.89 13.99
C GLN A 34 3.41 6.86 13.08
N SER A 35 4.20 5.88 12.60
CA SER A 35 3.80 4.83 11.65
C SER A 35 2.55 4.05 11.98
N ASP A 36 2.41 3.68 13.25
CA ASP A 36 1.27 2.86 13.72
C ASP A 36 -0.08 3.49 13.32
N ALA A 37 -0.20 4.81 13.47
CA ALA A 37 -1.45 5.48 13.12
C ALA A 37 -1.71 5.52 11.60
N LEU A 38 -0.70 5.88 10.81
CA LEU A 38 -0.89 6.01 9.35
C LEU A 38 -1.54 4.78 8.69
N THR A 39 -0.89 3.65 8.83
CA THR A 39 -1.29 2.44 8.09
C THR A 39 -2.71 2.03 8.52
N ALA A 40 -3.05 2.32 9.77
CA ALA A 40 -4.36 2.05 10.27
C ALA A 40 -5.42 3.09 9.92
N SER A 41 -5.00 4.29 9.56
CA SER A 41 -5.95 5.36 9.24
C SER A 41 -6.71 5.03 7.96
N GLY A 42 -6.13 4.17 7.12
CA GLY A 42 -6.80 3.62 5.94
C GLY A 42 -8.12 2.93 6.22
N GLN A 43 -8.38 2.63 7.48
CA GLN A 43 -9.65 2.06 7.97
C GLN A 43 -10.85 2.93 7.64
N LEU A 44 -10.64 4.25 7.70
CA LEU A 44 -11.72 5.21 7.46
C LEU A 44 -12.03 5.23 5.97
N PRO A 45 -13.33 5.34 5.62
CA PRO A 45 -13.73 5.28 4.21
C PRO A 45 -13.20 6.46 3.38
N ASP A 46 -13.33 6.35 2.07
CA ASP A 46 -12.89 7.43 1.17
C ASP A 46 -13.95 8.53 0.98
N ILE A 47 -14.91 8.61 1.90
CA ILE A 47 -15.94 9.67 1.91
C ILE A 47 -15.26 11.04 1.90
N PRO A 48 -16.01 12.11 1.51
CA PRO A 48 -15.37 13.43 1.52
C PRO A 48 -14.57 13.63 2.81
N ALA A 49 -13.26 13.85 2.65
CA ALA A 49 -12.31 13.74 3.76
C ALA A 49 -12.64 14.63 4.96
N ASP A 50 -13.05 13.99 6.08
CA ASP A 50 -13.22 14.68 7.37
C ASP A 50 -12.14 14.26 8.37
N SER A 51 -11.13 13.58 7.84
CA SER A 51 -9.95 13.07 8.58
C SER A 51 -8.66 13.19 7.79
N PHE A 52 -7.57 13.58 8.44
CA PHE A 52 -6.22 13.63 7.81
C PHE A 52 -5.13 13.08 8.73
N PHE A 53 -4.13 12.42 8.17
CA PHE A 53 -3.03 11.93 8.96
C PHE A 53 -1.84 12.80 8.68
N ILE A 54 -1.18 13.30 9.72
CA ILE A 54 0.03 14.06 9.61
C ILE A 54 1.13 13.31 10.37
N PRO A 55 2.26 13.01 9.72
CA PRO A 55 3.38 12.35 10.40
C PRO A 55 4.20 13.33 11.27
N LEU A 56 4.48 12.92 12.49
CA LEU A 56 5.32 13.69 13.39
C LEU A 56 6.00 12.70 14.33
N ASP A 57 7.32 12.73 14.39
CA ASP A 57 8.06 11.66 15.09
C ASP A 57 7.89 11.80 16.60
N HIS A 58 7.72 13.04 17.09
CA HIS A 58 7.60 13.32 18.52
C HIS A 58 6.60 14.44 18.86
N GLY A 59 5.83 14.25 19.91
CA GLY A 59 5.00 15.32 20.46
C GLY A 59 3.69 15.51 19.71
N GLY A 60 3.30 14.52 18.92
CA GLY A 60 2.07 14.64 18.11
C GLY A 60 0.84 14.49 19.01
N VAL A 61 -0.13 15.34 18.83
CA VAL A 61 -1.39 15.28 19.53
C VAL A 61 -2.54 15.35 18.48
N ASN A 62 -3.54 14.49 18.60
CA ASN A 62 -4.67 14.51 17.63
C ASN A 62 -5.54 15.71 17.97
N PHE A 63 -6.16 16.27 16.97
CA PHE A 63 -7.04 17.38 17.24
C PHE A 63 -8.19 17.46 16.24
N GLU A 64 -9.27 18.16 16.62
CA GLU A 64 -10.36 18.46 15.70
C GLU A 64 -10.47 19.93 15.54
N ILE A 65 -10.70 20.33 14.32
CA ILE A 65 -11.14 21.69 14.00
C ILE A 65 -12.63 21.72 13.69
N GLN A 66 -13.31 22.64 14.40
CA GLN A 66 -14.75 22.82 14.23
C GLN A 66 -15.08 24.19 13.65
N VAL A 67 -15.79 24.22 12.55
CA VAL A 67 -16.12 25.45 11.80
C VAL A 67 -17.63 25.47 11.87
N ASP A 68 -18.20 26.43 12.65
CA ASP A 68 -19.67 26.48 12.83
C ASP A 68 -20.31 26.73 11.47
N THR A 69 -21.60 26.45 11.39
CA THR A 69 -22.30 26.43 10.11
C THR A 69 -22.17 27.80 9.47
N ASP A 70 -22.22 28.82 10.31
CA ASP A 70 -22.08 30.21 9.90
C ASP A 70 -20.69 30.64 9.44
N ALA A 71 -19.66 29.87 9.79
CA ALA A 71 -18.27 30.23 9.55
C ALA A 71 -17.81 31.49 10.29
N THR A 72 -18.42 31.79 11.45
CA THR A 72 -18.04 32.97 12.26
C THR A 72 -17.19 32.64 13.50
N GLU A 73 -17.20 31.40 13.97
CA GLU A 73 -16.32 31.02 15.08
C GLU A 73 -15.54 29.74 14.79
N ILE A 74 -14.25 29.71 15.17
CA ILE A 74 -13.38 28.52 14.97
C ILE A 74 -12.81 27.96 16.26
N ILE A 75 -13.11 26.69 16.47
CA ILE A 75 -12.78 25.99 17.70
C ILE A 75 -11.84 24.82 17.42
N LEU A 76 -10.74 24.77 18.14
CA LEU A 76 -9.87 23.63 18.06
C LEU A 76 -10.06 22.77 19.31
N HIS A 77 -10.35 21.48 19.10
CA HIS A 77 -10.43 20.54 20.20
C HIS A 77 -9.19 19.72 20.20
N GLU A 78 -8.34 19.89 21.22
CA GLU A 78 -7.19 19.02 21.44
C GLU A 78 -7.58 17.77 22.16
N LEU A 79 -7.26 16.59 21.60
CA LEU A 79 -7.69 15.30 22.17
C LEU A 79 -6.71 14.72 23.16
N LYS A 80 -7.12 14.60 24.42
CA LYS A 80 -6.32 13.97 25.49
C LYS A 80 -6.92 12.62 25.93
N GLU A 81 -6.37 12.01 26.98
CA GLU A 81 -6.89 10.72 27.44
C GLU A 81 -8.34 10.85 27.93
N GLY A 82 -9.25 10.21 27.21
CA GLY A 82 -10.66 10.15 27.59
C GLY A 82 -11.41 11.46 27.65
N ASN A 83 -10.82 12.54 27.15
CA ASN A 83 -11.39 13.88 27.27
C ASN A 83 -10.84 14.75 26.14
N SER A 84 -11.39 15.94 25.96
CA SER A 84 -10.86 16.88 25.03
C SER A 84 -10.80 18.28 25.69
N GLU A 85 -9.94 19.18 25.18
CA GLU A 85 -9.86 20.52 25.67
C GLU A 85 -10.00 21.47 24.51
N SER A 86 -10.93 22.38 24.62
CA SER A 86 -11.20 23.23 23.51
C SER A 86 -10.59 24.63 23.69
N ARG A 87 -10.26 25.25 22.57
CA ARG A 87 -9.96 26.72 22.57
C ARG A 87 -10.42 27.35 21.27
N SER A 88 -10.80 28.61 21.35
CA SER A 88 -10.97 29.47 20.17
C SER A 88 -9.67 29.79 19.49
N VAL A 89 -9.64 29.79 18.16
CA VAL A 89 -8.42 30.10 17.47
C VAL A 89 -8.68 31.19 16.44
N GLN A 90 -7.65 31.99 16.24
CA GLN A 90 -7.71 33.12 15.35
C GLN A 90 -7.10 32.75 14.00
N LEU A 91 -7.65 33.35 12.95
CA LEU A 91 -7.13 33.15 11.62
C LEU A 91 -5.76 33.79 11.45
N ASN A 92 -4.95 33.18 10.59
CA ASN A 92 -3.70 33.76 10.14
C ASN A 92 -2.65 33.91 11.20
N THR A 93 -2.67 33.02 12.17
CA THR A 93 -1.66 33.04 13.19
C THR A 93 -1.27 31.61 13.55
N PRO A 94 0.02 31.40 13.76
CA PRO A 94 0.53 30.13 14.21
C PRO A 94 -0.19 29.62 15.47
N ILE A 95 -0.66 28.41 15.38
CA ILE A 95 -1.38 27.72 16.45
C ILE A 95 -0.51 26.49 16.74
N GLN A 96 -0.06 26.36 17.97
CA GLN A 96 0.68 25.22 18.43
C GLN A 96 -0.27 24.12 18.98
N VAL A 97 -0.24 22.94 18.37
CA VAL A 97 -0.92 21.74 18.92
C VAL A 97 0.06 20.66 19.17
N GLY A 98 0.28 20.28 20.42
CA GLY A 98 1.45 19.50 20.76
C GLY A 98 2.70 20.14 20.10
N GLU A 99 3.52 19.35 19.41
CA GLU A 99 4.70 19.90 18.71
C GLU A 99 4.40 20.30 17.26
N LEU A 100 3.15 20.14 16.82
CA LEU A 100 2.79 20.62 15.52
C LEU A 100 2.45 22.10 15.50
N LEU A 101 2.82 22.75 14.41
CA LEU A 101 2.47 24.15 14.20
C LEU A 101 1.63 24.31 12.90
N ILE A 102 0.43 24.89 13.05
CA ILE A 102 -0.50 25.03 11.96
C ILE A 102 -0.94 26.45 11.88
N LEU A 103 -1.65 26.76 10.82
CA LEU A 103 -2.16 28.07 10.62
C LEU A 103 -3.48 27.84 9.89
N ILE A 104 -4.58 28.54 10.28
CA ILE A 104 -5.88 28.41 9.61
C ILE A 104 -6.12 29.74 8.88
N ARG A 105 -6.36 29.67 7.57
CA ARG A 105 -6.58 30.86 6.74
C ARG A 105 -7.84 30.74 5.88
N PRO A 106 -8.47 31.88 5.51
CA PRO A 106 -9.43 31.86 4.44
C PRO A 106 -8.80 31.45 3.13
N GLU A 107 -9.57 30.76 2.31
CA GLU A 107 -9.02 30.23 1.08
C GLU A 107 -8.45 31.37 0.22
N SER A 108 -9.17 32.49 0.23
CA SER A 108 -8.83 33.69 -0.52
C SER A 108 -7.61 34.47 -0.01
N GLU A 109 -7.10 34.16 1.18
CA GLU A 109 -5.91 34.85 1.73
C GLU A 109 -4.67 33.93 1.86
N PRO A 110 -3.84 33.88 0.80
CA PRO A 110 -2.66 33.01 0.84
C PRO A 110 -1.69 33.42 1.97
N TRP A 111 -1.05 32.45 2.61
CA TRP A 111 -0.03 32.74 3.65
C TRP A 111 1.31 32.90 3.05
N PRO B 6 2.01 24.64 -20.69
CA PRO B 6 2.51 24.69 -19.30
C PRO B 6 3.99 24.32 -19.17
N TYR B 7 4.39 24.17 -17.91
CA TYR B 7 5.76 23.94 -17.55
C TYR B 7 5.86 22.63 -16.80
N ILE B 8 7.09 22.13 -16.81
CA ILE B 8 7.46 20.84 -16.22
C ILE B 8 8.64 21.06 -15.31
N VAL B 9 8.57 20.51 -14.11
CA VAL B 9 9.73 20.56 -13.19
C VAL B 9 10.53 19.27 -13.39
N ARG B 10 11.80 19.38 -13.73
CA ARG B 10 12.66 18.18 -13.82
C ARG B 10 13.72 18.15 -12.72
N LEU B 11 13.97 16.97 -12.14
CA LEU B 11 15.04 16.80 -11.14
C LEU B 11 16.32 16.53 -11.92
N LEU B 12 17.38 17.24 -11.57
CA LEU B 12 18.63 17.12 -12.30
C LEU B 12 19.68 16.38 -11.49
N ASN B 13 19.38 16.03 -10.26
CA ASN B 13 20.29 15.30 -9.38
C ASN B 13 19.40 14.43 -8.50
N SER B 14 20.02 13.84 -7.48
CA SER B 14 19.46 12.86 -6.55
C SER B 14 19.33 11.46 -7.17
N SER B 15 19.01 10.47 -6.35
CA SER B 15 18.70 9.11 -6.89
C SER B 15 17.54 9.15 -7.88
N LEU B 16 16.74 10.24 -7.85
CA LEU B 16 15.59 10.42 -8.69
C LEU B 16 15.84 11.31 -9.90
N ASN B 17 17.11 11.50 -10.22
CA ASN B 17 17.51 12.33 -11.39
C ASN B 17 16.73 11.87 -12.65
N GLY B 18 16.02 12.82 -13.26
CA GLY B 18 15.23 12.64 -14.47
C GLY B 18 13.75 12.68 -14.25
N CYS B 19 13.30 12.61 -13.00
CA CYS B 19 11.86 12.62 -12.71
C CYS B 19 11.26 13.97 -13.12
N GLU B 20 10.08 13.92 -13.74
CA GLU B 20 9.44 15.14 -14.26
C GLU B 20 8.07 15.19 -13.61
N PHE B 21 7.71 16.39 -13.18
CA PHE B 21 6.41 16.67 -12.61
C PHE B 21 5.78 17.89 -13.33
N PRO B 22 4.49 17.79 -13.70
CA PRO B 22 3.85 18.98 -14.26
C PRO B 22 3.68 20.10 -13.17
N LEU B 23 3.96 21.36 -13.49
CA LEU B 23 3.58 22.50 -12.61
C LEU B 23 2.19 22.90 -12.93
N LEU B 24 1.32 22.99 -11.92
CA LEU B 24 -0.02 23.50 -12.26
C LEU B 24 -0.07 25.04 -12.31
N THR B 25 -1.08 25.55 -12.97
CA THR B 25 -1.39 26.97 -12.89
C THR B 25 -1.64 27.27 -11.42
N GLY B 26 -1.13 28.41 -10.96
CA GLY B 26 -1.23 28.74 -9.56
C GLY B 26 -0.07 28.18 -8.77
N ARG B 27 -0.39 27.37 -7.77
CA ARG B 27 0.54 26.89 -6.74
C ARG B 27 0.74 25.36 -6.80
N THR B 28 1.98 24.93 -6.81
CA THR B 28 2.33 23.49 -6.68
C THR B 28 3.30 23.34 -5.52
N LEU B 29 3.04 22.41 -4.62
CA LEU B 29 3.92 22.09 -3.50
C LEU B 29 4.64 20.80 -3.70
N PHE B 30 5.92 20.80 -3.36
CA PHE B 30 6.81 19.69 -3.47
C PHE B 30 7.28 19.38 -2.09
N VAL B 31 6.92 18.19 -1.62
CA VAL B 31 7.32 17.69 -0.31
C VAL B 31 8.54 16.80 -0.53
N VAL B 32 9.69 17.17 0.06
CA VAL B 32 10.97 16.53 -0.13
C VAL B 32 11.52 15.91 1.19
N GLY B 33 11.92 14.65 1.22
CA GLY B 33 12.50 14.12 2.46
C GLY B 33 12.54 12.62 2.52
N GLN B 34 12.59 12.08 3.73
CA GLN B 34 12.75 10.63 3.95
C GLN B 34 11.41 9.87 4.01
N SER B 35 11.47 8.61 4.45
CA SER B 35 10.31 7.69 4.55
C SER B 35 9.06 8.23 5.25
N ASP B 36 9.24 8.88 6.40
CA ASP B 36 8.13 9.36 7.22
C ASP B 36 7.12 10.21 6.42
N ALA B 37 7.63 11.08 5.55
CA ALA B 37 6.78 11.95 4.74
C ALA B 37 6.01 11.19 3.65
N LEU B 38 6.68 10.27 2.93
CA LEU B 38 6.05 9.53 1.81
C LEU B 38 4.76 8.82 2.19
N THR B 39 4.87 7.86 3.11
CA THR B 39 3.73 7.00 3.46
C THR B 39 2.55 7.84 3.93
N ALA B 40 2.84 8.96 4.58
CA ALA B 40 1.82 9.89 5.04
C ALA B 40 1.27 10.83 3.96
N SER B 41 2.04 11.04 2.90
CA SER B 41 1.59 11.96 1.84
C SER B 41 0.34 11.42 1.14
N GLY B 42 0.15 10.10 1.23
CA GLY B 42 -1.08 9.43 0.79
C GLY B 42 -2.36 10.00 1.38
N GLN B 43 -2.21 10.79 2.44
CA GLN B 43 -3.32 11.50 3.09
C GLN B 43 -4.06 12.46 2.16
N LEU B 44 -3.31 13.08 1.26
CA LEU B 44 -3.87 14.03 0.32
C LEU B 44 -4.67 13.28 -0.73
N PRO B 45 -5.83 13.82 -1.13
CA PRO B 45 -6.70 13.15 -2.09
C PRO B 45 -6.07 12.97 -3.47
N ASP B 46 -6.71 12.18 -4.32
CA ASP B 46 -6.23 11.94 -5.69
C ASP B 46 -6.71 13.00 -6.70
N ILE B 47 -7.11 14.17 -6.18
CA ILE B 47 -7.49 15.32 -7.02
C ILE B 47 -6.35 15.67 -7.96
N PRO B 48 -6.64 16.40 -9.06
CA PRO B 48 -5.54 16.77 -9.95
C PRO B 48 -4.32 17.25 -9.17
N ALA B 49 -3.19 16.55 -9.33
CA ALA B 49 -2.05 16.62 -8.41
C ALA B 49 -1.49 18.05 -8.21
N ASP B 50 -1.70 18.60 -7.01
CA ASP B 50 -1.07 19.90 -6.61
C ASP B 50 -0.04 19.87 -5.48
N SER B 51 0.00 18.80 -4.72
CA SER B 51 1.20 18.51 -3.98
C SER B 51 1.76 17.23 -4.53
N PHE B 52 3.10 17.18 -4.63
CA PHE B 52 3.84 15.97 -5.11
C PHE B 52 4.93 15.62 -4.08
N PHE B 53 5.28 14.37 -3.80
CA PHE B 53 6.47 14.12 -2.86
C PHE B 53 7.68 13.74 -3.72
N ILE B 54 8.85 14.07 -3.22
CA ILE B 54 10.14 13.60 -3.72
C ILE B 54 10.94 13.02 -2.51
N PRO B 55 11.82 12.00 -2.67
CA PRO B 55 12.87 11.50 -1.72
C PRO B 55 14.23 12.18 -1.87
N LEU B 56 14.86 12.48 -0.74
CA LEU B 56 16.18 13.08 -0.70
C LEU B 56 16.80 12.77 0.66
N ASP B 57 17.95 12.11 0.64
CA ASP B 57 18.51 11.56 1.88
C ASP B 57 18.99 12.67 2.81
N HIS B 58 19.42 13.80 2.24
CA HIS B 58 19.97 14.92 3.02
C HIS B 58 19.60 16.26 2.42
N GLY B 59 19.29 17.21 3.31
CA GLY B 59 19.12 18.62 2.92
C GLY B 59 17.80 18.92 2.26
N GLY B 60 16.81 18.05 2.47
CA GLY B 60 15.49 18.20 1.87
C GLY B 60 14.72 19.29 2.53
N VAL B 61 14.31 20.21 1.70
CA VAL B 61 13.53 21.35 2.08
C VAL B 61 12.32 21.29 1.21
N ASN B 62 11.12 21.41 1.79
CA ASN B 62 9.95 21.49 0.95
C ASN B 62 9.95 22.86 0.27
N PHE B 63 9.31 22.93 -0.87
CA PHE B 63 9.20 24.19 -1.62
C PHE B 63 7.92 24.18 -2.45
N GLU B 64 7.44 25.36 -2.70
CA GLU B 64 6.26 25.59 -3.51
C GLU B 64 6.56 26.55 -4.62
N ILE B 65 5.94 26.36 -5.75
CA ILE B 65 6.20 27.20 -6.89
C ILE B 65 4.92 27.82 -7.27
N GLN B 66 4.96 29.15 -7.46
CA GLN B 66 3.77 29.89 -7.91
C GLN B 66 4.00 30.47 -9.32
N VAL B 67 3.05 30.22 -10.23
CA VAL B 67 3.08 30.70 -11.60
C VAL B 67 1.90 31.60 -11.83
N ASP B 68 2.17 32.77 -12.39
CA ASP B 68 1.10 33.74 -12.61
C ASP B 68 0.24 33.32 -13.78
N THR B 69 -0.85 34.05 -13.99
CA THR B 69 -1.87 33.63 -14.95
C THR B 69 -1.30 33.58 -16.35
N ASP B 70 -0.42 34.57 -16.57
CA ASP B 70 0.35 34.80 -17.77
C ASP B 70 1.48 33.78 -18.08
N ALA B 71 1.90 33.07 -17.05
CA ALA B 71 3.03 32.17 -17.12
C ALA B 71 4.36 32.88 -17.42
N THR B 72 4.48 34.18 -17.07
CA THR B 72 5.74 34.91 -17.28
C THR B 72 6.56 35.00 -15.98
N GLU B 73 5.94 34.81 -14.83
CA GLU B 73 6.78 34.83 -13.62
C GLU B 73 6.53 33.57 -12.83
N ILE B 74 7.66 33.04 -12.35
CA ILE B 74 7.67 31.83 -11.59
C ILE B 74 8.40 32.16 -10.30
N ILE B 75 7.69 32.02 -9.18
CA ILE B 75 8.21 32.33 -7.87
C ILE B 75 8.33 31.02 -7.11
N LEU B 76 9.52 30.74 -6.63
CA LEU B 76 9.78 29.57 -5.82
C LEU B 76 9.92 30.05 -4.37
N HIS B 77 9.19 29.40 -3.47
CA HIS B 77 9.27 29.67 -2.05
C HIS B 77 9.87 28.45 -1.38
N GLU B 78 11.04 28.58 -0.76
CA GLU B 78 11.63 27.50 0.06
C GLU B 78 11.04 27.53 1.45
N LEU B 79 10.50 26.40 1.91
CA LEU B 79 9.78 26.37 3.16
C LEU B 79 10.68 26.00 4.36
N LYS B 80 11.19 27.05 5.06
CA LYS B 80 11.99 26.92 6.29
C LYS B 80 11.11 26.94 7.54
N GLU B 81 11.72 26.91 8.72
CA GLU B 81 10.97 26.91 9.97
C GLU B 81 10.16 28.19 10.14
N GLY B 82 8.84 28.05 10.15
CA GLY B 82 7.91 29.15 10.40
C GLY B 82 8.00 30.34 9.46
N ASN B 83 8.74 30.20 8.35
CA ASN B 83 8.99 31.30 7.43
C ASN B 83 9.26 30.74 6.03
N SER B 84 9.39 31.60 5.03
CA SER B 84 9.77 31.15 3.67
C SER B 84 10.69 32.18 3.02
N GLU B 85 11.48 31.72 2.06
CA GLU B 85 12.42 32.58 1.36
C GLU B 85 12.10 32.43 -0.14
N SER B 86 11.64 33.51 -0.78
CA SER B 86 11.19 33.48 -2.17
C SER B 86 12.18 34.02 -3.23
N ARG B 87 12.20 33.41 -4.39
CA ARG B 87 12.96 33.99 -5.49
C ARG B 87 12.29 33.74 -6.82
N SER B 88 12.54 34.65 -7.73
CA SER B 88 12.02 34.55 -9.06
C SER B 88 12.96 33.64 -9.80
N VAL B 89 12.43 32.69 -10.55
CA VAL B 89 13.27 31.76 -11.32
C VAL B 89 12.92 31.79 -12.81
N GLN B 90 13.90 31.42 -13.60
CA GLN B 90 13.82 31.40 -15.03
C GLN B 90 13.74 29.96 -15.58
N LEU B 91 13.32 29.86 -16.82
CA LEU B 91 13.22 28.60 -17.47
C LEU B 91 14.55 28.11 -17.97
N ASN B 92 14.68 26.79 -18.00
CA ASN B 92 15.78 26.10 -18.65
C ASN B 92 17.10 26.45 -17.97
N THR B 93 17.08 26.67 -16.66
CA THR B 93 18.27 26.99 -15.90
C THR B 93 18.25 26.22 -14.56
N PRO B 94 19.34 25.52 -14.25
CA PRO B 94 19.32 24.78 -13.02
C PRO B 94 19.11 25.70 -11.82
N ILE B 95 18.24 25.26 -10.91
CA ILE B 95 17.91 25.92 -9.69
C ILE B 95 18.21 25.03 -8.51
N GLN B 96 18.97 25.54 -7.57
CA GLN B 96 19.27 24.75 -6.39
C GLN B 96 18.26 25.03 -5.28
N VAL B 97 17.68 23.96 -4.73
CA VAL B 97 16.75 24.09 -3.62
C VAL B 97 17.14 23.08 -2.54
N GLY B 98 17.79 23.52 -1.46
CA GLY B 98 18.37 22.55 -0.55
C GLY B 98 19.45 21.73 -1.26
N GLU B 99 19.48 20.42 -1.05
CA GLU B 99 20.42 19.55 -1.79
C GLU B 99 19.92 19.17 -3.20
N LEU B 100 18.70 19.53 -3.53
CA LEU B 100 18.11 19.22 -4.82
C LEU B 100 18.40 20.25 -5.92
N LEU B 101 18.63 19.77 -7.13
CA LEU B 101 18.81 20.62 -8.29
C LEU B 101 17.67 20.37 -9.22
N ILE B 102 16.89 21.40 -9.55
CA ILE B 102 15.77 21.26 -10.43
C ILE B 102 15.91 22.17 -11.61
N LEU B 103 15.04 21.96 -12.59
CA LEU B 103 15.02 22.74 -13.79
C LEU B 103 13.54 22.83 -14.20
N ILE B 104 13.11 23.99 -14.63
CA ILE B 104 11.72 24.21 -15.10
C ILE B 104 11.72 24.52 -16.58
N ARG B 105 10.98 23.72 -17.35
CA ARG B 105 11.07 23.77 -18.80
C ARG B 105 9.66 23.86 -19.33
N PRO B 106 9.49 24.54 -20.49
CA PRO B 106 8.31 24.31 -21.28
C PRO B 106 8.10 22.83 -21.60
N GLU B 107 6.85 22.39 -21.52
CA GLU B 107 6.44 21.04 -21.88
C GLU B 107 6.97 20.63 -23.26
N SER B 108 6.92 21.55 -24.24
CA SER B 108 7.34 21.33 -25.66
C SER B 108 8.87 21.28 -25.91
N GLU B 109 9.68 21.48 -24.88
CA GLU B 109 11.13 21.64 -24.99
C GLU B 109 11.87 20.69 -24.06
N PRO B 110 12.12 19.45 -24.47
CA PRO B 110 12.79 18.58 -23.47
C PRO B 110 14.21 18.99 -23.16
N TRP B 111 14.67 18.56 -22.02
CA TRP B 111 15.95 18.96 -21.53
C TRP B 111 16.98 18.01 -22.01
N PRO C 6 4.35 -0.56 -31.01
CA PRO C 6 4.75 -0.38 -29.59
C PRO C 6 5.97 -1.24 -29.26
N TYR C 7 6.91 -0.70 -28.48
CA TYR C 7 8.11 -1.45 -28.12
C TYR C 7 8.02 -1.77 -26.66
N ILE C 8 8.80 -2.75 -26.26
CA ILE C 8 8.79 -3.24 -24.88
C ILE C 8 10.23 -3.29 -24.43
N VAL C 9 10.52 -2.79 -23.22
CA VAL C 9 11.83 -2.95 -22.60
C VAL C 9 11.78 -4.19 -21.69
N ARG C 10 12.70 -5.15 -21.91
CA ARG C 10 12.80 -6.38 -21.11
C ARG C 10 14.09 -6.30 -20.32
N LEU C 11 14.05 -6.71 -19.08
CA LEU C 11 15.23 -6.74 -18.26
C LEU C 11 15.86 -8.08 -18.43
N LEU C 12 17.19 -8.08 -18.58
CA LEU C 12 17.94 -9.33 -18.80
C LEU C 12 18.76 -9.73 -17.62
N ASN C 13 18.76 -8.88 -16.61
CA ASN C 13 19.44 -9.16 -15.31
C ASN C 13 18.66 -8.45 -14.20
N SER C 14 19.25 -8.35 -13.00
CA SER C 14 18.61 -7.77 -11.79
C SER C 14 17.65 -8.76 -11.20
N SER C 15 17.16 -8.42 -9.99
CA SER C 15 16.19 -9.27 -9.28
C SER C 15 14.86 -9.36 -10.14
N LEU C 16 14.66 -8.41 -11.04
CA LEU C 16 13.48 -8.30 -11.88
C LEU C 16 13.71 -8.86 -13.28
N ASN C 17 14.77 -9.63 -13.43
CA ASN C 17 15.06 -10.32 -14.69
C ASN C 17 13.77 -10.94 -15.28
N GLY C 18 13.51 -10.59 -16.55
CA GLY C 18 12.32 -11.07 -17.30
C GLY C 18 11.19 -10.07 -17.34
N CYS C 19 11.21 -9.08 -16.47
CA CYS C 19 10.14 -8.10 -16.42
C CYS C 19 10.12 -7.30 -17.68
N GLU C 20 8.91 -7.01 -18.16
CA GLU C 20 8.79 -6.31 -19.45
C GLU C 20 7.95 -5.07 -19.26
N PHE C 21 8.47 -3.94 -19.74
CA PHE C 21 7.78 -2.68 -19.60
C PHE C 21 7.43 -2.11 -20.96
N PRO C 22 6.16 -1.73 -21.14
CA PRO C 22 5.77 -1.20 -22.44
C PRO C 22 6.30 0.24 -22.59
N LEU C 23 6.68 0.64 -23.80
CA LEU C 23 7.16 2.01 -24.00
C LEU C 23 6.10 2.85 -24.66
N LEU C 24 5.82 4.01 -24.08
CA LEU C 24 4.95 4.96 -24.78
C LEU C 24 5.72 5.84 -25.75
N THR C 25 5.00 6.32 -26.78
CA THR C 25 5.58 7.34 -27.63
C THR C 25 6.08 8.45 -26.71
N GLY C 26 7.23 9.03 -27.06
CA GLY C 26 7.80 10.06 -26.25
C GLY C 26 8.77 9.45 -25.27
N ARG C 27 8.60 9.78 -23.99
CA ARG C 27 9.62 9.60 -23.01
C ARG C 27 9.21 8.57 -21.94
N THR C 28 10.10 7.64 -21.64
CA THR C 28 9.91 6.74 -20.51
C THR C 28 11.15 6.77 -19.70
N LEU C 29 11.00 6.96 -18.39
CA LEU C 29 12.10 6.99 -17.46
C LEU C 29 12.21 5.74 -16.61
N PHE C 30 13.44 5.30 -16.42
CA PHE C 30 13.76 4.16 -15.59
C PHE C 30 14.70 4.67 -14.52
N VAL C 31 14.32 4.57 -13.28
CA VAL C 31 15.10 4.99 -12.13
C VAL C 31 15.66 3.68 -11.63
N VAL C 32 16.98 3.60 -11.57
CA VAL C 32 17.65 2.35 -11.26
C VAL C 32 18.53 2.55 -10.04
N GLY C 33 18.26 1.76 -8.99
CA GLY C 33 19.02 1.92 -7.75
C GLY C 33 18.53 1.14 -6.54
N GLN C 34 18.88 1.61 -5.33
CA GLN C 34 18.54 0.89 -4.08
C GLN C 34 17.17 1.30 -3.47
N SER C 35 16.92 0.87 -2.22
CA SER C 35 15.67 1.10 -1.45
C SER C 35 15.15 2.54 -1.41
N ASP C 36 16.04 3.50 -1.17
CA ASP C 36 15.66 4.91 -1.01
C ASP C 36 14.79 5.44 -2.18
N ALA C 37 15.16 5.05 -3.41
CA ALA C 37 14.43 5.48 -4.60
C ALA C 37 13.04 4.84 -4.72
N LEU C 38 12.94 3.53 -4.50
CA LEU C 38 11.67 2.79 -4.66
C LEU C 38 10.51 3.40 -3.88
N THR C 39 10.64 3.41 -2.55
CA THR C 39 9.54 3.81 -1.68
C THR C 39 9.09 5.22 -2.00
N ALA C 40 10.02 6.06 -2.45
CA ALA C 40 9.72 7.42 -2.85
C ALA C 40 9.17 7.55 -4.28
N SER C 41 9.41 6.55 -5.13
CA SER C 41 8.92 6.62 -6.53
C SER C 41 7.38 6.61 -6.57
N GLY C 42 6.78 6.08 -5.50
CA GLY C 42 5.33 6.16 -5.28
C GLY C 42 4.76 7.57 -5.35
N GLN C 43 5.63 8.57 -5.26
CA GLN C 43 5.27 9.98 -5.40
C GLN C 43 4.63 10.35 -6.73
N LEU C 44 5.07 9.66 -7.77
CA LEU C 44 4.57 9.89 -9.11
C LEU C 44 3.16 9.29 -9.21
N PRO C 45 2.25 9.99 -9.91
CA PRO C 45 0.86 9.53 -10.02
C PRO C 45 0.73 8.21 -10.77
N ASP C 46 -0.47 7.62 -10.70
CA ASP C 46 -0.75 6.35 -11.40
C ASP C 46 -1.19 6.57 -12.86
N ILE C 47 -0.87 7.73 -13.44
CA ILE C 47 -1.10 8.04 -14.86
C ILE C 47 -0.46 6.97 -15.73
N PRO C 48 -0.89 6.83 -17.00
CA PRO C 48 -0.24 5.84 -17.85
C PRO C 48 1.28 5.88 -17.68
N ALA C 49 1.85 4.76 -17.25
CA ALA C 49 3.22 4.73 -16.70
C ALA C 49 4.28 5.28 -17.65
N ASP C 50 4.85 6.44 -17.31
CA ASP C 50 6.02 6.95 -18.01
C ASP C 50 7.30 6.83 -17.16
N SER C 51 7.21 6.43 -15.89
CA SER C 51 8.43 6.17 -15.04
C SER C 51 8.39 4.84 -14.26
N PHE C 52 9.50 4.09 -14.32
CA PHE C 52 9.62 2.85 -13.58
C PHE C 52 10.77 2.79 -12.62
N PHE C 53 10.65 2.06 -11.51
CA PHE C 53 11.80 1.86 -10.61
C PHE C 53 12.38 0.47 -10.78
N ILE C 54 13.68 0.38 -11.02
CA ILE C 54 14.34 -0.96 -11.05
C ILE C 54 15.39 -1.04 -9.96
N PRO C 55 15.27 -2.05 -9.07
CA PRO C 55 16.23 -2.15 -7.99
C PRO C 55 17.52 -2.77 -8.52
N LEU C 56 18.65 -2.20 -8.13
CA LEU C 56 19.94 -2.78 -8.47
C LEU C 56 20.94 -2.39 -7.40
N ASP C 57 21.57 -3.36 -6.76
CA ASP C 57 22.36 -3.03 -5.57
C ASP C 57 23.63 -2.22 -5.90
N HIS C 58 24.15 -2.38 -7.10
CA HIS C 58 25.36 -1.71 -7.53
C HIS C 58 25.34 -1.36 -8.99
N GLY C 59 25.91 -0.20 -9.31
CA GLY C 59 26.14 0.20 -10.71
C GLY C 59 24.94 0.69 -11.48
N GLY C 60 23.88 1.03 -10.74
CA GLY C 60 22.62 1.49 -11.37
C GLY C 60 22.73 2.91 -11.89
N VAL C 61 22.28 3.13 -13.10
CA VAL C 61 22.32 4.46 -13.70
C VAL C 61 20.92 4.72 -14.22
N ASN C 62 20.32 5.82 -13.76
CA ASN C 62 19.05 6.27 -14.34
C ASN C 62 19.11 6.49 -15.82
N PHE C 63 18.03 6.18 -16.52
CA PHE C 63 17.99 6.41 -17.95
C PHE C 63 16.60 6.69 -18.48
N GLU C 64 16.53 7.40 -19.59
CA GLU C 64 15.26 7.59 -20.26
C GLU C 64 15.34 7.14 -21.70
N ILE C 65 14.18 6.70 -22.22
CA ILE C 65 14.14 6.23 -23.60
C ILE C 65 13.14 7.05 -24.34
N GLN C 66 13.51 7.50 -25.56
CA GLN C 66 12.65 8.29 -26.44
C GLN C 66 12.27 7.48 -27.69
N VAL C 67 10.96 7.38 -27.96
CA VAL C 67 10.42 6.72 -29.16
C VAL C 67 9.84 7.83 -30.05
N ASP C 68 10.42 8.09 -31.23
CA ASP C 68 9.91 9.20 -32.06
C ASP C 68 8.49 8.85 -32.50
N THR C 69 7.76 9.86 -32.96
CA THR C 69 6.33 9.72 -33.22
C THR C 69 6.13 8.63 -34.28
N ASP C 70 7.06 8.60 -35.23
CA ASP C 70 7.10 7.64 -36.30
C ASP C 70 7.45 6.21 -35.92
N ALA C 71 8.05 6.02 -34.74
CA ALA C 71 8.57 4.73 -34.29
C ALA C 71 9.71 4.19 -35.18
N THR C 72 10.47 5.07 -35.82
CA THR C 72 11.61 4.65 -36.67
C THR C 72 13.00 4.83 -36.02
N GLU C 73 13.11 5.68 -35.01
CA GLU C 73 14.39 5.80 -34.27
C GLU C 73 14.16 5.71 -32.75
N ILE C 74 15.03 4.98 -32.04
CA ILE C 74 14.97 4.85 -30.54
C ILE C 74 16.22 5.37 -29.88
N ILE C 75 16.08 6.39 -29.01
CA ILE C 75 17.21 7.01 -28.38
C ILE C 75 17.30 6.78 -26.86
N LEU C 76 18.47 6.43 -26.38
CA LEU C 76 18.62 6.18 -24.97
C LEU C 76 19.56 7.23 -24.38
N HIS C 77 19.11 7.83 -23.27
CA HIS C 77 19.90 8.80 -22.51
C HIS C 77 20.23 8.32 -21.14
N GLU C 78 21.51 8.16 -20.80
CA GLU C 78 21.91 7.88 -19.45
C GLU C 78 22.07 9.16 -18.68
N LEU C 79 21.52 9.14 -17.48
CA LEU C 79 21.41 10.32 -16.68
C LEU C 79 22.51 10.26 -15.65
N LYS C 80 23.68 10.77 -16.02
CA LYS C 80 24.84 10.81 -15.13
C LYS C 80 24.76 12.09 -14.28
N GLU C 81 25.78 12.33 -13.48
CA GLU C 81 25.83 13.52 -12.61
C GLU C 81 25.80 14.81 -13.44
N GLY C 82 24.73 15.59 -13.29
CA GLY C 82 24.58 16.89 -13.93
C GLY C 82 24.70 16.92 -15.45
N ASN C 83 24.62 15.76 -16.09
CA ASN C 83 24.80 15.64 -17.54
C ASN C 83 24.12 14.36 -18.04
N SER C 84 24.04 14.20 -19.35
CA SER C 84 23.51 12.98 -19.92
C SER C 84 24.33 12.60 -21.13
N GLU C 85 24.28 11.33 -21.49
CA GLU C 85 25.00 10.80 -22.62
C GLU C 85 23.98 10.07 -23.49
N SER C 86 23.73 10.55 -24.70
CA SER C 86 22.74 9.93 -25.56
C SER C 86 23.37 8.93 -26.54
N ARG C 87 22.53 8.00 -27.00
CA ARG C 87 22.92 7.10 -28.08
C ARG C 87 21.71 6.46 -28.74
N SER C 88 21.89 6.13 -30.01
CA SER C 88 20.93 5.32 -30.74
C SER C 88 21.09 3.89 -30.21
N VAL C 89 20.01 3.11 -30.23
CA VAL C 89 20.11 1.70 -29.81
C VAL C 89 19.39 0.79 -30.77
N GLN C 90 19.93 -0.43 -30.88
CA GLN C 90 19.37 -1.44 -31.75
C GLN C 90 18.26 -2.19 -31.03
N LEU C 91 17.22 -2.56 -31.77
CA LEU C 91 16.21 -3.50 -31.28
C LEU C 91 16.74 -4.95 -31.23
N ASN C 92 16.19 -5.74 -30.30
CA ASN C 92 16.48 -7.15 -30.20
C ASN C 92 17.93 -7.40 -29.95
N THR C 93 18.55 -6.52 -29.18
CA THR C 93 19.94 -6.70 -28.82
C THR C 93 20.15 -6.28 -27.38
N PRO C 94 20.95 -7.05 -26.62
CA PRO C 94 21.29 -6.62 -25.29
C PRO C 94 21.96 -5.27 -25.24
N ILE C 95 21.61 -4.47 -24.26
CA ILE C 95 22.08 -3.08 -24.14
C ILE C 95 22.43 -2.96 -22.69
N GLN C 96 23.66 -2.56 -22.38
CA GLN C 96 24.07 -2.40 -21.00
C GLN C 96 23.98 -0.93 -20.53
N VAL C 97 23.37 -0.65 -19.39
CA VAL C 97 23.25 0.73 -18.91
C VAL C 97 23.69 0.67 -17.51
N GLY C 98 24.83 1.28 -17.22
CA GLY C 98 25.48 0.99 -15.95
C GLY C 98 25.66 -0.52 -15.88
N GLU C 99 25.14 -1.14 -14.84
CA GLU C 99 25.28 -2.59 -14.70
C GLU C 99 23.99 -3.32 -15.01
N LEU C 100 22.98 -2.58 -15.41
CA LEU C 100 21.74 -3.21 -15.83
C LEU C 100 21.88 -3.67 -17.25
N LEU C 101 21.20 -4.74 -17.61
CA LEU C 101 21.15 -5.19 -18.96
C LEU C 101 19.71 -5.23 -19.36
N ILE C 102 19.42 -4.61 -20.49
CA ILE C 102 18.07 -4.55 -21.05
C ILE C 102 18.04 -4.94 -22.55
N LEU C 103 16.84 -5.12 -23.07
CA LEU C 103 16.66 -5.41 -24.45
C LEU C 103 15.37 -4.71 -24.86
N ILE C 104 15.37 -4.00 -25.96
CA ILE C 104 14.14 -3.41 -26.50
C ILE C 104 13.66 -4.19 -27.67
N ARG C 105 12.40 -4.61 -27.64
CA ARG C 105 11.85 -5.47 -28.68
C ARG C 105 10.54 -4.92 -29.17
N PRO C 106 10.22 -5.15 -30.47
CA PRO C 106 8.83 -4.95 -30.87
C PRO C 106 7.86 -5.80 -30.07
N GLU C 107 6.69 -5.27 -29.75
CA GLU C 107 5.70 -6.04 -28.99
C GLU C 107 5.35 -7.34 -29.75
N SER C 108 5.52 -7.31 -31.06
CA SER C 108 5.22 -8.45 -31.95
C SER C 108 6.30 -9.54 -32.04
N GLU C 109 7.50 -9.32 -31.48
CA GLU C 109 8.60 -10.31 -31.50
C GLU C 109 9.05 -10.69 -30.08
N PRO C 110 8.48 -11.79 -29.53
CA PRO C 110 8.96 -12.25 -28.24
C PRO C 110 10.47 -12.53 -28.29
N TRP C 111 11.16 -12.28 -27.20
CA TRP C 111 12.53 -12.67 -27.08
C TRP C 111 12.69 -14.07 -26.53
N PRO D 6 -7.94 -24.01 -18.81
CA PRO D 6 -6.64 -23.40 -18.50
C PRO D 6 -5.92 -24.06 -17.33
N TYR D 7 -4.73 -23.54 -16.99
CA TYR D 7 -3.84 -24.24 -16.09
C TYR D 7 -3.60 -23.30 -14.91
N ILE D 8 -3.22 -23.93 -13.82
CA ILE D 8 -2.93 -23.24 -12.58
C ILE D 8 -1.59 -23.68 -12.09
N VAL D 9 -0.76 -22.69 -11.67
CA VAL D 9 0.53 -22.95 -11.04
C VAL D 9 0.27 -23.01 -9.49
N ARG D 10 0.63 -24.11 -8.87
CA ARG D 10 0.51 -24.32 -7.41
C ARG D 10 1.92 -24.38 -6.81
N LEU D 11 2.13 -23.65 -5.73
CA LEU D 11 3.36 -23.70 -5.00
C LEU D 11 3.29 -24.89 -4.08
N LEU D 12 4.37 -25.65 -4.03
CA LEU D 12 4.44 -26.81 -3.15
C LEU D 12 5.44 -26.63 -2.02
N ASN D 13 6.13 -25.52 -2.02
CA ASN D 13 6.96 -25.09 -0.83
C ASN D 13 6.96 -23.58 -0.75
N SER D 14 7.94 -22.97 -0.05
CA SER D 14 7.92 -21.55 0.31
C SER D 14 6.87 -21.18 1.40
N SER D 15 6.95 -19.94 1.86
CA SER D 15 5.98 -19.42 2.84
C SER D 15 4.55 -19.42 2.28
N LEU D 16 4.45 -19.40 0.98
CA LEU D 16 3.17 -19.42 0.31
C LEU D 16 2.80 -20.82 -0.20
N ASN D 17 3.43 -21.87 0.36
CA ASN D 17 2.97 -23.24 0.03
C ASN D 17 1.42 -23.27 -0.08
N GLY D 18 0.93 -23.78 -1.21
CA GLY D 18 -0.55 -23.85 -1.41
C GLY D 18 -1.12 -22.82 -2.29
N CYS D 19 -0.43 -21.70 -2.44
CA CYS D 19 -0.94 -20.64 -3.27
C CYS D 19 -1.01 -21.04 -4.73
N GLU D 20 -2.05 -20.56 -5.40
CA GLU D 20 -2.32 -20.99 -6.78
C GLU D 20 -2.47 -19.76 -7.63
N PHE D 21 -1.82 -19.75 -8.80
CA PHE D 21 -1.80 -18.62 -9.69
C PHE D 21 -2.28 -19.09 -11.03
N PRO D 22 -3.24 -18.39 -11.62
CA PRO D 22 -3.78 -18.90 -12.88
C PRO D 22 -2.88 -18.47 -14.01
N LEU D 23 -2.80 -19.31 -15.04
CA LEU D 23 -1.98 -18.97 -16.24
C LEU D 23 -2.83 -18.51 -17.41
N LEU D 24 -2.44 -17.39 -18.00
CA LEU D 24 -3.05 -17.02 -19.31
C LEU D 24 -2.32 -17.64 -20.48
N THR D 25 -3.07 -17.82 -21.57
CA THR D 25 -2.41 -18.11 -22.82
C THR D 25 -1.19 -17.13 -22.93
N GLY D 26 -0.14 -17.63 -23.53
CA GLY D 26 0.97 -16.81 -23.81
C GLY D 26 1.81 -16.98 -22.59
N ARG D 27 1.98 -15.91 -21.84
CA ARG D 27 3.25 -15.83 -21.06
C ARG D 27 2.91 -15.32 -19.71
N THR D 28 3.35 -16.03 -18.70
CA THR D 28 3.30 -15.53 -17.33
C THR D 28 4.66 -15.60 -16.68
N LEU D 29 5.06 -14.51 -16.05
CA LEU D 29 6.32 -14.38 -15.36
C LEU D 29 6.14 -14.50 -13.89
N PHE D 30 7.08 -15.20 -13.25
CA PHE D 30 7.19 -15.36 -11.83
C PHE D 30 8.55 -14.78 -11.37
N VAL D 31 8.50 -13.78 -10.52
CA VAL D 31 9.68 -13.19 -9.93
C VAL D 31 9.75 -13.81 -8.56
N VAL D 32 10.88 -14.45 -8.30
CA VAL D 32 11.11 -15.20 -7.08
C VAL D 32 12.34 -14.67 -6.39
N GLY D 33 12.17 -14.24 -5.14
CA GLY D 33 13.31 -13.68 -4.41
C GLY D 33 12.95 -12.99 -3.11
N GLN D 34 13.85 -12.13 -2.63
CA GLN D 34 13.71 -11.45 -1.32
C GLN D 34 12.94 -10.11 -1.38
N SER D 35 12.99 -9.34 -0.30
CA SER D 35 12.30 -8.04 -0.13
C SER D 35 12.42 -7.03 -1.28
N ASP D 36 13.65 -6.82 -1.76
CA ASP D 36 13.94 -5.80 -2.79
C ASP D 36 13.04 -5.90 -4.02
N ALA D 37 12.77 -7.13 -4.46
CA ALA D 37 11.91 -7.37 -5.62
C ALA D 37 10.43 -7.06 -5.36
N LEU D 38 9.91 -7.51 -4.22
CA LEU D 38 8.47 -7.35 -3.90
C LEU D 38 8.00 -5.91 -4.00
N THR D 39 8.56 -5.05 -3.14
CA THR D 39 8.08 -3.67 -3.01
C THR D 39 8.15 -2.95 -4.36
N ALA D 40 9.14 -3.32 -5.17
CA ALA D 40 9.30 -2.76 -6.51
C ALA D 40 8.38 -3.40 -7.55
N SER D 41 7.90 -4.61 -7.31
CA SER D 41 7.05 -5.29 -8.29
C SER D 41 5.73 -4.54 -8.47
N GLY D 42 5.36 -3.75 -7.46
CA GLY D 42 4.22 -2.82 -7.54
C GLY D 42 4.28 -1.86 -8.72
N GLN D 43 5.46 -1.73 -9.32
CA GLN D 43 5.67 -0.92 -10.54
C GLN D 43 4.80 -1.33 -11.72
N LEU D 44 4.55 -2.63 -11.82
CA LEU D 44 3.76 -3.18 -12.91
C LEU D 44 2.29 -2.84 -12.67
N PRO D 45 1.56 -2.49 -13.74
CA PRO D 45 0.16 -2.09 -13.61
C PRO D 45 -0.74 -3.21 -13.08
N ASP D 46 -1.97 -2.85 -12.73
CA ASP D 46 -2.96 -3.83 -12.24
C ASP D 46 -3.75 -4.51 -13.38
N ILE D 47 -3.19 -4.49 -14.60
CA ILE D 47 -3.76 -5.20 -15.75
C ILE D 47 -3.93 -6.69 -15.43
N PRO D 48 -4.79 -7.41 -16.19
CA PRO D 48 -4.94 -8.84 -15.89
C PRO D 48 -3.58 -9.50 -15.67
N ALA D 49 -3.39 -10.06 -14.48
CA ALA D 49 -2.05 -10.40 -13.96
C ALA D 49 -1.23 -11.33 -14.86
N ASP D 50 -0.17 -10.80 -15.47
CA ASP D 50 0.82 -11.62 -16.18
C ASP D 50 2.18 -11.71 -15.48
N SER D 51 2.39 -11.04 -14.33
CA SER D 51 3.63 -11.24 -13.48
C SER D 51 3.33 -11.35 -11.97
N PHE D 52 3.96 -12.28 -11.29
CA PHE D 52 3.62 -12.52 -9.89
C PHE D 52 4.92 -12.57 -9.16
N PHE D 53 4.91 -12.17 -7.88
CA PHE D 53 6.10 -12.27 -7.10
C PHE D 53 5.93 -13.38 -6.04
N ILE D 54 6.98 -14.15 -5.84
CA ILE D 54 6.97 -15.23 -4.86
C ILE D 54 8.15 -14.99 -3.97
N PRO D 55 7.93 -14.87 -2.66
CA PRO D 55 9.04 -14.68 -1.72
C PRO D 55 9.77 -15.99 -1.45
N LEU D 56 11.08 -15.92 -1.50
CA LEU D 56 11.89 -17.07 -1.13
C LEU D 56 13.26 -16.56 -0.58
N ASP D 57 13.62 -16.98 0.62
CA ASP D 57 14.76 -16.31 1.27
C ASP D 57 16.10 -16.72 0.61
N HIS D 58 16.13 -17.89 -0.02
CA HIS D 58 17.33 -18.39 -0.68
C HIS D 58 17.02 -19.21 -1.94
N GLY D 59 17.84 -19.04 -2.98
CA GLY D 59 17.80 -19.90 -4.13
C GLY D 59 16.69 -19.60 -5.12
N GLY D 60 16.10 -18.42 -5.05
CA GLY D 60 14.97 -18.03 -5.96
C GLY D 60 15.48 -17.71 -7.37
N VAL D 61 14.80 -18.17 -8.44
CA VAL D 61 15.26 -17.90 -9.81
C VAL D 61 13.99 -17.51 -10.55
N ASN D 62 14.01 -16.38 -11.26
CA ASN D 62 12.80 -15.96 -12.03
C ASN D 62 12.54 -16.97 -13.16
N PHE D 63 11.28 -17.16 -13.49
CA PHE D 63 10.92 -18.07 -14.59
C PHE D 63 9.64 -17.57 -15.29
N GLU D 64 9.47 -17.89 -16.54
CA GLU D 64 8.23 -17.59 -17.18
C GLU D 64 7.68 -18.86 -17.79
N ILE D 65 6.38 -18.95 -17.81
CA ILE D 65 5.65 -20.12 -18.40
C ILE D 65 4.94 -19.62 -19.58
N GLN D 66 5.11 -20.38 -20.66
CA GLN D 66 4.47 -20.17 -21.95
C GLN D 66 3.50 -21.33 -22.19
N VAL D 67 2.27 -21.02 -22.56
CA VAL D 67 1.23 -21.98 -22.92
C VAL D 67 0.83 -21.63 -24.34
N ASP D 68 0.86 -22.62 -25.24
CA ASP D 68 0.48 -22.38 -26.63
C ASP D 68 -1.04 -22.10 -26.79
N THR D 69 -1.40 -21.65 -27.97
CA THR D 69 -2.77 -21.16 -28.20
C THR D 69 -3.77 -22.28 -27.95
N ASP D 70 -3.36 -23.48 -28.37
CA ASP D 70 -4.01 -24.71 -28.09
C ASP D 70 -4.16 -25.21 -26.66
N ALA D 71 -3.30 -24.70 -25.77
CA ALA D 71 -3.19 -25.18 -24.42
C ALA D 71 -2.80 -26.67 -24.34
N THR D 72 -1.98 -27.15 -25.28
CA THR D 72 -1.46 -28.52 -25.23
C THR D 72 0.03 -28.57 -24.84
N GLU D 73 0.79 -27.49 -25.00
CA GLU D 73 2.14 -27.56 -24.55
C GLU D 73 2.47 -26.37 -23.67
N ILE D 74 3.20 -26.66 -22.60
CA ILE D 74 3.56 -25.71 -21.60
C ILE D 74 5.07 -25.78 -21.53
N ILE D 75 5.74 -24.64 -21.72
CA ILE D 75 7.21 -24.54 -21.67
C ILE D 75 7.56 -23.58 -20.51
N LEU D 76 8.47 -24.01 -19.65
CA LEU D 76 9.03 -23.12 -18.65
C LEU D 76 10.45 -22.67 -19.05
N HIS D 77 10.69 -21.39 -18.90
CA HIS D 77 11.95 -20.77 -19.21
C HIS D 77 12.48 -20.25 -17.95
N GLU D 78 13.58 -20.80 -17.47
CA GLU D 78 14.25 -20.37 -16.27
C GLU D 78 15.16 -19.25 -16.69
N LEU D 79 15.05 -18.12 -16.03
CA LEU D 79 15.80 -16.91 -16.40
C LEU D 79 17.08 -16.81 -15.59
N LYS D 80 18.17 -17.05 -16.26
CA LYS D 80 19.51 -16.86 -15.71
C LYS D 80 20.09 -15.54 -16.20
N GLU D 81 21.36 -15.30 -15.88
CA GLU D 81 22.02 -14.06 -16.28
C GLU D 81 22.09 -13.95 -17.81
N GLY D 82 21.41 -12.94 -18.36
CA GLY D 82 21.44 -12.65 -19.79
C GLY D 82 20.99 -13.76 -20.74
N ASN D 83 20.40 -14.83 -20.19
CA ASN D 83 20.04 -16.02 -20.98
C ASN D 83 18.86 -16.76 -20.30
N SER D 84 18.32 -17.75 -20.99
CA SER D 84 17.31 -18.57 -20.37
C SER D 84 17.49 -20.05 -20.75
N GLU D 85 16.96 -20.93 -19.93
CA GLU D 85 17.03 -22.35 -20.17
C GLU D 85 15.61 -22.90 -20.20
N SER D 86 15.23 -23.50 -21.32
CA SER D 86 13.85 -23.96 -21.48
C SER D 86 13.68 -25.43 -21.12
N ARG D 87 12.55 -25.80 -20.54
CA ARG D 87 12.24 -27.17 -20.33
C ARG D 87 10.78 -27.38 -20.59
N SER D 88 10.48 -28.55 -21.12
CA SER D 88 9.07 -28.93 -21.35
C SER D 88 8.52 -29.40 -20.02
N VAL D 89 7.28 -29.15 -19.71
CA VAL D 89 6.78 -29.65 -18.43
C VAL D 89 5.57 -30.50 -18.60
N GLN D 90 5.33 -31.34 -17.62
CA GLN D 90 4.16 -32.17 -17.56
C GLN D 90 3.27 -31.67 -16.46
N LEU D 91 1.99 -31.89 -16.65
CA LEU D 91 1.01 -31.59 -15.65
C LEU D 91 1.14 -32.50 -14.44
N ASN D 92 0.75 -31.98 -13.29
CA ASN D 92 0.54 -32.79 -12.08
C ASN D 92 1.81 -33.46 -11.59
N THR D 93 2.92 -32.80 -11.83
CA THR D 93 4.20 -33.28 -11.43
C THR D 93 5.06 -32.18 -10.85
N PRO D 94 5.63 -32.46 -9.70
CA PRO D 94 6.49 -31.39 -9.17
C PRO D 94 7.62 -30.98 -10.09
N ILE D 95 7.86 -29.67 -10.12
CA ILE D 95 8.90 -29.02 -10.91
C ILE D 95 9.75 -28.12 -10.03
N GLN D 96 11.05 -28.35 -10.03
CA GLN D 96 11.93 -27.54 -9.20
C GLN D 96 12.55 -26.45 -10.06
N VAL D 97 12.29 -25.21 -9.68
CA VAL D 97 12.98 -24.03 -10.25
C VAL D 97 13.80 -23.31 -9.17
N GLY D 98 15.09 -23.31 -9.29
CA GLY D 98 15.93 -22.84 -8.18
C GLY D 98 15.50 -23.64 -6.98
N GLU D 99 15.19 -22.97 -5.89
CA GLU D 99 14.75 -23.70 -4.65
C GLU D 99 13.30 -23.74 -4.47
N LEU D 100 12.57 -23.37 -5.52
CA LEU D 100 11.10 -23.34 -5.41
C LEU D 100 10.61 -24.61 -6.06
N LEU D 101 9.55 -25.20 -5.52
CA LEU D 101 8.93 -26.37 -6.06
C LEU D 101 7.52 -25.96 -6.47
N ILE D 102 7.14 -26.22 -7.71
CA ILE D 102 5.81 -25.88 -8.21
C ILE D 102 5.20 -27.13 -8.86
N LEU D 103 3.91 -27.07 -9.15
CA LEU D 103 3.25 -28.06 -9.90
C LEU D 103 2.24 -27.24 -10.78
N ILE D 104 1.99 -27.73 -12.00
CA ILE D 104 1.06 -27.15 -12.92
C ILE D 104 -0.08 -28.14 -13.18
N ARG D 105 -1.29 -27.74 -12.87
CA ARG D 105 -2.45 -28.62 -12.90
C ARG D 105 -3.52 -28.04 -13.79
N PRO D 106 -4.38 -28.91 -14.32
CA PRO D 106 -5.52 -28.29 -14.98
C PRO D 106 -6.43 -27.69 -13.95
N GLU D 107 -7.11 -26.59 -14.31
CA GLU D 107 -8.09 -25.97 -13.41
C GLU D 107 -9.02 -27.00 -12.78
N SER D 108 -9.40 -28.02 -13.55
CA SER D 108 -10.47 -28.92 -13.12
C SER D 108 -10.03 -30.11 -12.28
N GLU D 109 -8.71 -30.31 -12.10
CA GLU D 109 -8.14 -31.38 -11.31
C GLU D 109 -7.44 -30.73 -10.10
N PRO D 110 -8.18 -30.51 -9.00
CA PRO D 110 -7.45 -29.95 -7.82
C PRO D 110 -6.35 -30.90 -7.36
N TRP D 111 -5.36 -30.30 -6.71
CA TRP D 111 -4.21 -30.98 -6.10
C TRP D 111 -4.00 -30.65 -4.65
N PRO E 6 -23.96 -22.13 5.00
CA PRO E 6 -22.50 -22.00 4.79
C PRO E 6 -21.75 -21.95 6.10
N TYR E 7 -20.43 -22.08 6.04
CA TYR E 7 -19.62 -22.19 7.23
C TYR E 7 -18.66 -21.02 7.31
N ILE E 8 -18.19 -20.78 8.53
CA ILE E 8 -17.32 -19.66 8.89
C ILE E 8 -16.16 -20.26 9.69
N VAL E 9 -14.94 -19.87 9.41
CA VAL E 9 -13.81 -20.19 10.24
C VAL E 9 -13.54 -19.00 11.23
N ARG E 10 -13.53 -19.31 12.52
CA ARG E 10 -13.12 -18.34 13.56
C ARG E 10 -11.81 -18.66 14.17
N LEU E 11 -10.95 -17.67 14.30
CA LEU E 11 -9.67 -17.80 15.03
C LEU E 11 -9.93 -17.71 16.50
N LEU E 12 -9.37 -18.66 17.22
CA LEU E 12 -9.52 -18.67 18.68
C LEU E 12 -8.22 -18.22 19.39
N ASN E 13 -7.16 -18.05 18.65
CA ASN E 13 -5.94 -17.45 19.19
C ASN E 13 -5.33 -16.56 18.11
N SER E 14 -4.06 -16.22 18.32
CA SER E 14 -3.28 -15.37 17.42
C SER E 14 -3.68 -13.91 17.70
N SER E 15 -2.93 -12.98 17.12
CA SER E 15 -3.26 -11.56 17.30
C SER E 15 -4.63 -11.22 16.67
N LEU E 16 -5.11 -12.09 15.75
CA LEU E 16 -6.40 -11.93 15.10
C LEU E 16 -7.51 -12.78 15.76
N ASN E 17 -7.26 -13.24 16.99
CA ASN E 17 -8.30 -13.96 17.77
C ASN E 17 -9.67 -13.25 17.63
N GLY E 18 -10.69 -14.02 17.25
CA GLY E 18 -12.02 -13.52 17.06
C GLY E 18 -12.38 -13.29 15.59
N CYS E 19 -11.37 -13.18 14.74
CA CYS E 19 -11.64 -12.95 13.29
C CYS E 19 -12.39 -14.15 12.74
N GLU E 20 -13.40 -13.85 11.90
CA GLU E 20 -14.29 -14.83 11.28
C GLU E 20 -14.21 -14.73 9.73
N PHE E 21 -13.84 -15.84 9.08
CA PHE E 21 -13.66 -15.86 7.62
C PHE E 21 -14.67 -16.77 7.00
N PRO E 22 -15.41 -16.23 6.00
CA PRO E 22 -16.35 -17.05 5.31
C PRO E 22 -15.65 -18.03 4.40
N LEU E 23 -16.22 -19.21 4.38
CA LEU E 23 -15.77 -20.22 3.51
C LEU E 23 -16.65 -20.39 2.27
N LEU E 24 -16.03 -20.42 1.12
CA LEU E 24 -16.78 -20.82 -0.07
C LEU E 24 -16.82 -22.32 -0.28
N THR E 25 -17.89 -22.76 -0.95
CA THR E 25 -17.93 -24.12 -1.40
C THR E 25 -16.61 -24.35 -2.12
N GLY E 26 -16.03 -25.54 -1.93
CA GLY E 26 -14.76 -25.87 -2.55
C GLY E 26 -13.64 -25.61 -1.57
N ARG E 27 -12.57 -24.95 -2.01
CA ARG E 27 -11.27 -24.86 -1.26
C ARG E 27 -10.99 -23.42 -0.86
N THR E 28 -10.60 -23.23 0.38
CA THR E 28 -10.18 -21.94 0.90
C THR E 28 -8.79 -22.12 1.52
N LEU E 29 -7.87 -21.28 1.13
CA LEU E 29 -6.51 -21.34 1.59
C LEU E 29 -6.25 -20.34 2.72
N PHE E 30 -5.56 -20.80 3.78
CA PHE E 30 -5.08 -19.98 4.90
C PHE E 30 -3.57 -20.03 4.91
N VAL E 31 -2.98 -18.89 4.58
CA VAL E 31 -1.55 -18.70 4.68
C VAL E 31 -1.28 -18.11 6.07
N VAL E 32 -0.39 -18.81 6.79
CA VAL E 32 -0.14 -18.54 8.23
C VAL E 32 1.35 -18.38 8.38
N GLY E 33 1.80 -17.21 8.81
CA GLY E 33 3.25 -16.98 8.96
C GLY E 33 3.62 -15.55 9.24
N GLN E 34 4.86 -15.18 8.94
CA GLN E 34 5.43 -13.86 9.25
C GLN E 34 5.27 -12.83 8.10
N SER E 35 5.95 -11.70 8.23
CA SER E 35 5.92 -10.57 7.27
C SER E 35 6.07 -10.91 5.76
N ASP E 36 7.06 -11.72 5.44
CA ASP E 36 7.39 -12.05 4.05
C ASP E 36 6.16 -12.50 3.25
N ALA E 37 5.32 -13.34 3.87
CA ALA E 37 4.12 -13.86 3.22
C ALA E 37 3.04 -12.79 3.02
N LEU E 38 2.76 -11.97 4.04
CA LEU E 38 1.70 -10.96 3.97
C LEU E 38 1.83 -10.03 2.77
N THR E 39 2.92 -9.27 2.71
CA THR E 39 3.08 -8.21 1.69
C THR E 39 3.01 -8.81 0.27
N ALA E 40 3.45 -10.06 0.13
CA ALA E 40 3.37 -10.78 -1.14
C ALA E 40 2.00 -11.39 -1.43
N SER E 41 1.18 -11.61 -0.40
CA SER E 41 -0.14 -12.24 -0.62
C SER E 41 -1.05 -11.31 -1.45
N GLY E 42 -0.74 -10.01 -1.42
CA GLY E 42 -1.37 -9.03 -2.30
C GLY E 42 -1.33 -9.37 -3.78
N GLN E 43 -0.45 -10.30 -4.15
CA GLN E 43 -0.34 -10.82 -5.52
C GLN E 43 -1.61 -11.43 -6.05
N LEU E 44 -2.36 -12.06 -5.16
CA LEU E 44 -3.60 -12.72 -5.53
C LEU E 44 -4.66 -11.65 -5.79
N PRO E 45 -5.50 -11.86 -6.81
CA PRO E 45 -6.51 -10.86 -7.18
C PRO E 45 -7.57 -10.65 -6.09
N ASP E 46 -8.39 -9.62 -6.26
CA ASP E 46 -9.46 -9.29 -5.30
C ASP E 46 -10.76 -10.06 -5.59
N ILE E 47 -10.66 -11.17 -6.34
CA ILE E 47 -11.79 -12.06 -6.62
C ILE E 47 -12.43 -12.53 -5.30
N PRO E 48 -13.68 -13.00 -5.34
CA PRO E 48 -14.28 -13.48 -4.09
C PRO E 48 -13.28 -14.34 -3.30
N ALA E 49 -12.95 -13.88 -2.09
CA ALA E 49 -11.77 -14.36 -1.37
C ALA E 49 -11.75 -15.89 -1.18
N ASP E 50 -10.80 -16.55 -1.87
CA ASP E 50 -10.48 -17.95 -1.61
C ASP E 50 -9.13 -18.18 -0.90
N SER E 51 -8.39 -17.11 -0.59
CA SER E 51 -7.19 -17.24 0.26
C SER E 51 -7.07 -16.10 1.29
N PHE E 52 -6.62 -16.43 2.49
CA PHE E 52 -6.50 -15.44 3.54
C PHE E 52 -5.13 -15.57 4.20
N PHE E 53 -4.60 -14.42 4.62
CA PHE E 53 -3.31 -14.40 5.35
C PHE E 53 -3.56 -14.21 6.86
N ILE E 54 -3.01 -15.07 7.67
CA ILE E 54 -3.06 -14.94 9.12
C ILE E 54 -1.64 -14.81 9.71
N PRO E 55 -1.34 -13.67 10.36
CA PRO E 55 -0.04 -13.50 10.94
C PRO E 55 0.12 -14.38 12.21
N LEU E 56 1.27 -15.00 12.32
CA LEU E 56 1.59 -15.75 13.52
C LEU E 56 3.10 -15.77 13.56
N ASP E 57 3.70 -15.34 14.67
CA ASP E 57 5.17 -15.15 14.71
C ASP E 57 5.93 -16.49 14.74
N HIS E 58 5.32 -17.53 15.30
CA HIS E 58 5.94 -18.85 15.39
C HIS E 58 4.94 -19.98 15.21
N GLY E 59 5.36 -21.04 14.53
CA GLY E 59 4.61 -22.29 14.44
C GLY E 59 3.45 -22.26 13.46
N GLY E 60 3.43 -21.33 12.53
CA GLY E 60 2.35 -21.20 11.53
C GLY E 60 2.45 -22.28 10.46
N VAL E 61 1.33 -22.96 10.14
CA VAL E 61 1.33 -23.93 9.05
C VAL E 61 0.18 -23.61 8.08
N ASN E 62 0.49 -23.49 6.76
CA ASN E 62 -0.57 -23.15 5.78
C ASN E 62 -1.57 -24.30 5.73
N PHE E 63 -2.85 -24.03 5.49
CA PHE E 63 -3.85 -25.12 5.40
C PHE E 63 -4.99 -24.68 4.48
N GLU E 64 -5.64 -25.67 3.88
CA GLU E 64 -6.87 -25.46 3.10
C GLU E 64 -8.01 -26.11 3.81
N ILE E 65 -9.15 -25.51 3.72
CA ILE E 65 -10.37 -26.16 4.16
C ILE E 65 -11.24 -26.39 2.96
N GLN E 66 -11.85 -27.56 2.88
CA GLN E 66 -12.60 -27.94 1.71
C GLN E 66 -13.94 -28.31 2.21
N VAL E 67 -14.95 -27.68 1.59
CA VAL E 67 -16.29 -27.89 1.97
C VAL E 67 -16.92 -28.50 0.76
N ASP E 68 -17.38 -29.75 0.90
CA ASP E 68 -17.92 -30.44 -0.25
C ASP E 68 -19.18 -29.71 -0.68
N THR E 69 -19.59 -29.95 -1.91
CA THR E 69 -20.64 -29.17 -2.55
C THR E 69 -21.91 -29.28 -1.70
N ASP E 70 -22.12 -30.47 -1.14
CA ASP E 70 -23.23 -30.80 -0.27
C ASP E 70 -23.22 -30.13 1.13
N ALA E 71 -22.04 -29.67 1.55
CA ALA E 71 -21.84 -29.15 2.90
C ALA E 71 -22.05 -30.21 4.00
N THR E 72 -21.80 -31.49 3.71
CA THR E 72 -21.94 -32.57 4.70
C THR E 72 -20.60 -33.07 5.27
N GLU E 73 -19.49 -32.85 4.59
CA GLU E 73 -18.19 -33.22 5.15
C GLU E 73 -17.19 -32.05 5.05
N ILE E 74 -16.37 -31.87 6.09
CA ILE E 74 -15.37 -30.78 6.07
C ILE E 74 -13.99 -31.37 6.27
N ILE E 75 -13.10 -31.07 5.35
CA ILE E 75 -11.78 -31.68 5.32
C ILE E 75 -10.77 -30.58 5.47
N LEU E 76 -9.79 -30.79 6.38
CA LEU E 76 -8.72 -29.83 6.56
C LEU E 76 -7.45 -30.49 6.00
N HIS E 77 -6.76 -29.76 5.14
CA HIS E 77 -5.55 -30.22 4.47
C HIS E 77 -4.42 -29.36 5.04
N GLU E 78 -3.63 -29.97 5.87
CA GLU E 78 -2.51 -29.28 6.48
C GLU E 78 -1.32 -29.34 5.54
N LEU E 79 -0.82 -28.21 5.08
CA LEU E 79 0.24 -28.21 4.06
C LEU E 79 1.72 -28.27 4.57
N LYS E 80 2.28 -29.44 4.75
CA LYS E 80 3.68 -29.62 5.25
C LYS E 80 4.71 -29.64 4.12
N GLU E 81 5.97 -29.88 4.44
CA GLU E 81 7.01 -29.90 3.41
C GLU E 81 6.68 -30.99 2.40
N GLY E 82 6.51 -30.57 1.13
CA GLY E 82 6.34 -31.48 -0.01
C GLY E 82 5.21 -32.48 0.11
N ASN E 83 4.31 -32.28 1.08
CA ASN E 83 3.24 -33.24 1.36
C ASN E 83 2.10 -32.52 2.06
N SER E 84 0.97 -33.21 2.21
CA SER E 84 -0.13 -32.60 2.98
C SER E 84 -0.79 -33.68 3.84
N GLU E 85 -1.36 -33.26 4.95
CA GLU E 85 -2.01 -34.23 5.84
C GLU E 85 -3.45 -33.82 5.89
N SER E 86 -4.30 -34.69 5.37
CA SER E 86 -5.70 -34.39 5.23
C SER E 86 -6.48 -34.99 6.41
N ARG E 87 -7.26 -34.18 7.10
CA ARG E 87 -8.09 -34.72 8.14
C ARG E 87 -9.52 -34.26 8.10
N SER E 88 -10.36 -35.17 8.51
CA SER E 88 -11.73 -34.94 8.71
C SER E 88 -11.91 -34.10 9.95
N VAL E 89 -12.67 -32.99 9.92
CA VAL E 89 -12.87 -32.18 11.15
C VAL E 89 -14.31 -31.85 11.53
N GLN E 90 -14.54 -31.69 12.83
CA GLN E 90 -15.90 -31.53 13.34
C GLN E 90 -16.16 -30.05 13.53
N LEU E 91 -17.41 -29.63 13.31
CA LEU E 91 -17.91 -28.31 13.62
C LEU E 91 -17.89 -28.00 15.08
N ASN E 92 -17.89 -26.70 15.37
CA ASN E 92 -18.00 -26.15 16.74
C ASN E 92 -17.03 -26.77 17.73
N THR E 93 -15.83 -27.14 17.24
CA THR E 93 -14.82 -27.64 18.15
C THR E 93 -13.45 -27.08 17.86
N PRO E 94 -12.68 -26.73 18.92
CA PRO E 94 -11.34 -26.22 18.62
C PRO E 94 -10.47 -27.25 17.85
N ILE E 95 -9.79 -26.77 16.82
CA ILE E 95 -8.99 -27.52 15.94
C ILE E 95 -7.62 -26.84 15.96
N GLN E 96 -6.59 -27.63 16.21
CA GLN E 96 -5.27 -27.05 16.21
C GLN E 96 -4.60 -27.31 14.87
N VAL E 97 -4.04 -26.25 14.29
CA VAL E 97 -3.22 -26.39 13.05
C VAL E 97 -1.91 -25.70 13.27
N GLY E 98 -0.83 -26.45 13.41
CA GLY E 98 0.40 -25.80 13.85
C GLY E 98 0.12 -25.13 15.18
N GLU E 99 0.53 -23.88 15.34
CA GLU E 99 0.27 -23.19 16.58
C GLU E 99 -1.02 -22.39 16.55
N LEU E 100 -1.75 -22.55 15.47
CA LEU E 100 -3.03 -21.82 15.35
C LEU E 100 -4.18 -22.68 15.87
N LEU E 101 -5.15 -22.05 16.51
CA LEU E 101 -6.35 -22.69 16.96
C LEU E 101 -7.55 -22.04 16.26
N ILE E 102 -8.37 -22.86 15.62
CA ILE E 102 -9.52 -22.40 14.88
C ILE E 102 -10.76 -23.23 15.27
N LEU E 103 -11.86 -22.73 14.80
CA LEU E 103 -13.17 -23.34 14.99
C LEU E 103 -13.96 -23.12 13.70
N ILE E 104 -14.72 -24.10 13.27
CA ILE E 104 -15.56 -23.95 12.09
C ILE E 104 -17.00 -24.10 12.54
N ARG E 105 -17.82 -23.10 12.24
CA ARG E 105 -19.19 -23.04 12.79
C ARG E 105 -20.12 -22.79 11.63
N PRO E 106 -21.33 -23.34 11.72
CA PRO E 106 -22.41 -22.97 10.81
C PRO E 106 -22.61 -21.49 10.97
N GLU E 107 -22.70 -20.77 9.86
CA GLU E 107 -23.05 -19.35 9.89
C GLU E 107 -24.11 -18.98 10.94
N SER E 108 -25.10 -19.85 11.14
CA SER E 108 -26.25 -19.51 11.99
C SER E 108 -26.06 -19.86 13.48
N GLU E 109 -24.88 -20.40 13.84
CA GLU E 109 -24.60 -20.77 15.23
C GLU E 109 -23.44 -19.96 15.78
N PRO E 110 -23.74 -18.78 16.36
CA PRO E 110 -22.64 -17.94 16.88
C PRO E 110 -21.81 -18.60 18.01
N TRP E 111 -20.51 -18.32 17.97
CA TRP E 111 -19.56 -18.75 19.00
C TRP E 111 -19.29 -17.57 19.87
N PRO F 6 -28.62 3.71 14.58
CA PRO F 6 -27.22 3.53 14.16
C PRO F 6 -26.27 3.98 15.25
N TYR F 7 -25.25 3.20 15.56
CA TYR F 7 -24.32 3.56 16.62
C TYR F 7 -22.88 3.62 16.13
N ILE F 8 -22.08 4.45 16.83
CA ILE F 8 -20.71 4.77 16.44
C ILE F 8 -19.75 4.59 17.62
N VAL F 9 -18.61 3.96 17.39
CA VAL F 9 -17.57 3.78 18.39
C VAL F 9 -16.55 4.87 18.15
N ARG F 10 -16.21 5.60 19.23
CA ARG F 10 -15.24 6.68 19.19
C ARG F 10 -14.10 6.29 20.14
N LEU F 11 -12.89 6.44 19.69
CA LEU F 11 -11.75 6.14 20.53
C LEU F 11 -11.48 7.37 21.33
N LEU F 12 -11.21 7.17 22.61
CA LEU F 12 -10.91 8.29 23.51
C LEU F 12 -9.44 8.26 23.95
N ASN F 13 -8.70 7.30 23.46
CA ASN F 13 -7.23 7.24 23.62
C ASN F 13 -6.70 6.47 22.41
N SER F 14 -5.43 6.00 22.51
CA SER F 14 -4.64 5.35 21.43
C SER F 14 -4.09 6.41 20.48
N SER F 15 -3.15 6.04 19.60
CA SER F 15 -2.71 6.96 18.54
C SER F 15 -3.85 7.37 17.53
N LEU F 16 -4.96 6.66 17.55
CA LEU F 16 -6.13 6.97 16.77
C LEU F 16 -7.25 7.69 17.60
N ASN F 17 -6.90 8.22 18.78
CA ASN F 17 -7.79 9.09 19.57
C ASN F 17 -8.61 10.03 18.65
N GLY F 18 -9.93 9.92 18.73
CA GLY F 18 -10.81 10.72 17.91
C GLY F 18 -11.46 10.03 16.73
N CYS F 19 -10.86 8.94 16.24
CA CYS F 19 -11.39 8.15 15.19
C CYS F 19 -12.70 7.51 15.58
N GLU F 20 -13.57 7.45 14.60
CA GLU F 20 -14.86 6.91 14.88
C GLU F 20 -15.15 5.76 13.88
N PHE F 21 -15.81 4.73 14.36
CA PHE F 21 -16.07 3.51 13.58
C PHE F 21 -17.55 3.15 13.66
N PRO F 22 -18.19 2.95 12.50
CA PRO F 22 -19.61 2.67 12.56
C PRO F 22 -19.83 1.30 13.14
N LEU F 23 -20.87 1.13 13.94
CA LEU F 23 -21.29 -0.23 14.25
C LEU F 23 -22.40 -0.74 13.36
N LEU F 24 -22.21 -1.90 12.76
CA LEU F 24 -23.36 -2.50 12.07
C LEU F 24 -24.24 -3.31 13.02
N THR F 25 -25.53 -3.40 12.67
CA THR F 25 -26.39 -4.34 13.35
C THR F 25 -25.63 -5.67 13.38
N GLY F 26 -25.76 -6.39 14.46
CA GLY F 26 -25.07 -7.66 14.57
C GLY F 26 -23.74 -7.45 15.24
N ARG F 27 -22.67 -8.00 14.65
CA ARG F 27 -21.37 -8.16 15.33
C ARG F 27 -20.31 -7.30 14.67
N THR F 28 -19.57 -6.56 15.50
CA THR F 28 -18.40 -5.81 15.05
C THR F 28 -17.21 -6.22 15.91
N LEU F 29 -16.10 -6.54 15.25
CA LEU F 29 -14.84 -6.92 15.92
C LEU F 29 -13.80 -5.86 15.82
N PHE F 30 -13.13 -5.64 16.96
CA PHE F 30 -12.03 -4.70 17.05
C PHE F 30 -10.83 -5.56 17.46
N VAL F 31 -9.81 -5.57 16.59
CA VAL F 31 -8.54 -6.21 16.82
C VAL F 31 -7.62 -5.15 17.32
N VAL F 32 -7.09 -5.36 18.50
CA VAL F 32 -6.34 -4.31 19.20
C VAL F 32 -4.99 -4.85 19.55
N GLY F 33 -3.94 -4.29 18.95
CA GLY F 33 -2.56 -4.77 19.18
C GLY F 33 -1.47 -4.04 18.39
N GLN F 34 -0.31 -4.69 18.23
CA GLN F 34 0.88 -4.11 17.57
C GLN F 34 0.93 -4.34 16.03
N SER F 35 2.09 -4.07 15.43
CA SER F 35 2.33 -4.17 13.97
C SER F 35 1.90 -5.46 13.29
N ASP F 36 2.24 -6.59 13.90
CA ASP F 36 1.99 -7.91 13.30
C ASP F 36 0.52 -8.08 12.86
N ALA F 37 -0.42 -7.62 13.69
CA ALA F 37 -1.85 -7.74 13.39
C ALA F 37 -2.30 -6.84 12.23
N LEU F 38 -1.85 -5.57 12.22
CA LEU F 38 -2.28 -4.59 11.20
C LEU F 38 -2.06 -5.07 9.76
N THR F 39 -0.80 -5.28 9.41
CA THR F 39 -0.43 -5.58 8.03
C THR F 39 -1.18 -6.82 7.55
N ALA F 40 -1.44 -7.75 8.46
CA ALA F 40 -2.18 -8.96 8.15
C ALA F 40 -3.69 -8.79 8.13
N SER F 41 -4.21 -7.76 8.79
CA SER F 41 -5.66 -7.55 8.83
C SER F 41 -6.20 -7.25 7.43
N GLY F 42 -5.32 -6.76 6.56
CA GLY F 42 -5.63 -6.58 5.13
C GLY F 42 -6.15 -7.82 4.43
N GLN F 43 -5.98 -8.98 5.08
CA GLN F 43 -6.50 -10.26 4.61
C GLN F 43 -8.00 -10.30 4.45
N LEU F 44 -8.69 -9.58 5.32
CA LEU F 44 -10.13 -9.53 5.30
C LEU F 44 -10.57 -8.67 4.11
N PRO F 45 -11.65 -9.08 3.42
CA PRO F 45 -12.11 -8.36 2.24
C PRO F 45 -12.58 -6.94 2.57
N ASP F 46 -12.82 -6.14 1.51
CA ASP F 46 -13.32 -4.77 1.66
C ASP F 46 -14.85 -4.69 1.76
N ILE F 47 -15.50 -5.80 2.12
CA ILE F 47 -16.95 -5.85 2.37
C ILE F 47 -17.34 -4.81 3.42
N PRO F 48 -18.64 -4.44 3.50
CA PRO F 48 -19.03 -3.48 4.54
C PRO F 48 -18.38 -3.82 5.89
N ALA F 49 -17.55 -2.91 6.40
CA ALA F 49 -16.59 -3.21 7.47
C ALA F 49 -17.20 -3.83 8.72
N ASP F 50 -16.89 -5.12 8.99
CA ASP F 50 -17.28 -5.74 10.28
C ASP F 50 -16.08 -6.04 11.22
N SER F 51 -14.84 -5.93 10.75
CA SER F 51 -13.68 -5.88 11.69
C SER F 51 -12.87 -4.68 11.49
N PHE F 52 -12.26 -4.17 12.58
CA PHE F 52 -11.38 -3.03 12.49
C PHE F 52 -10.19 -3.26 13.32
N PHE F 53 -9.09 -2.66 12.92
CA PHE F 53 -7.84 -2.81 13.64
C PHE F 53 -7.48 -1.49 14.34
N ILE F 54 -7.16 -1.55 15.62
CA ILE F 54 -6.74 -0.39 16.42
C ILE F 54 -5.35 -0.68 17.00
N PRO F 55 -4.37 0.11 16.65
CA PRO F 55 -3.05 -0.12 17.18
C PRO F 55 -2.96 0.34 18.63
N LEU F 56 -2.30 -0.46 19.46
CA LEU F 56 -2.03 -0.11 20.84
C LEU F 56 -0.80 -0.90 21.28
N ASP F 57 0.25 -0.21 21.73
CA ASP F 57 1.52 -0.89 21.94
C ASP F 57 1.46 -1.85 23.14
N HIS F 58 0.57 -1.57 24.11
CA HIS F 58 0.47 -2.38 25.31
C HIS F 58 -0.95 -2.49 25.85
N GLY F 59 -1.31 -3.69 26.29
CA GLY F 59 -2.56 -3.88 27.03
C GLY F 59 -3.78 -3.92 26.14
N GLY F 60 -3.59 -4.18 24.85
CA GLY F 60 -4.70 -4.32 23.89
C GLY F 60 -5.45 -5.65 24.04
N VAL F 61 -6.77 -5.61 24.00
CA VAL F 61 -7.61 -6.81 24.11
C VAL F 61 -8.59 -6.77 22.97
N ASN F 62 -8.65 -7.82 22.15
CA ASN F 62 -9.63 -7.90 21.08
C ASN F 62 -10.98 -8.00 21.74
N PHE F 63 -11.95 -7.36 21.14
CA PHE F 63 -13.25 -7.38 21.68
C PHE F 63 -14.27 -7.25 20.58
N GLU F 64 -15.46 -7.78 20.79
CA GLU F 64 -16.50 -7.63 19.79
C GLU F 64 -17.70 -7.02 20.45
N ILE F 65 -18.47 -6.27 19.68
CA ILE F 65 -19.71 -5.66 20.16
C ILE F 65 -20.86 -6.18 19.38
N GLN F 66 -21.96 -6.47 20.06
CA GLN F 66 -23.15 -6.99 19.42
C GLN F 66 -24.28 -6.08 19.75
N VAL F 67 -24.93 -5.55 18.73
CA VAL F 67 -26.07 -4.67 18.87
C VAL F 67 -27.28 -5.46 18.45
N ASP F 68 -28.26 -5.63 19.34
CA ASP F 68 -29.41 -6.48 19.02
C ASP F 68 -30.26 -5.84 17.91
N THR F 69 -31.11 -6.65 17.31
CA THR F 69 -31.82 -6.26 16.09
C THR F 69 -32.64 -5.01 16.38
N ASP F 70 -33.17 -4.97 17.61
CA ASP F 70 -33.95 -3.87 18.13
C ASP F 70 -33.18 -2.58 18.43
N ALA F 71 -31.86 -2.68 18.56
CA ALA F 71 -31.00 -1.56 18.98
C ALA F 71 -31.30 -1.05 20.42
N THR F 72 -31.79 -1.94 21.30
CA THR F 72 -32.08 -1.58 22.70
C THR F 72 -31.03 -2.08 23.71
N GLU F 73 -30.26 -3.10 23.37
CA GLU F 73 -29.18 -3.52 24.27
C GLU F 73 -27.85 -3.65 23.54
N ILE F 74 -26.77 -3.28 24.22
CA ILE F 74 -25.42 -3.41 23.64
C ILE F 74 -24.53 -4.24 24.54
N ILE F 75 -23.93 -5.28 23.96
CA ILE F 75 -23.18 -6.25 24.70
C ILE F 75 -21.76 -6.25 24.16
N LEU F 76 -20.80 -6.19 25.05
CA LEU F 76 -19.43 -6.15 24.60
C LEU F 76 -18.82 -7.43 25.13
N HIS F 77 -18.11 -8.16 24.25
CA HIS F 77 -17.39 -9.37 24.62
C HIS F 77 -15.91 -9.21 24.51
N GLU F 78 -15.19 -9.32 25.62
CA GLU F 78 -13.72 -9.24 25.57
C GLU F 78 -13.13 -10.62 25.25
N LEU F 79 -12.24 -10.71 24.28
CA LEU F 79 -11.77 -12.00 23.79
C LEU F 79 -10.41 -12.34 24.35
N LYS F 80 -10.46 -13.07 25.46
CA LYS F 80 -9.27 -13.45 26.17
C LYS F 80 -8.81 -14.82 25.64
N GLU F 81 -7.80 -15.37 26.30
CA GLU F 81 -7.23 -16.66 25.89
C GLU F 81 -8.25 -17.78 26.02
N GLY F 82 -8.64 -18.36 24.89
CA GLY F 82 -9.57 -19.50 24.85
C GLY F 82 -10.93 -19.28 25.48
N ASN F 83 -11.28 -18.03 25.76
CA ASN F 83 -12.53 -17.70 26.46
C ASN F 83 -12.95 -16.27 26.13
N SER F 84 -14.16 -15.89 26.54
CA SER F 84 -14.62 -14.53 26.39
C SER F 84 -15.40 -14.10 27.63
N GLU F 85 -15.44 -12.79 27.84
CA GLU F 85 -16.10 -12.22 28.99
C GLU F 85 -17.09 -11.17 28.50
N SER F 86 -18.35 -11.30 28.92
CA SER F 86 -19.43 -10.49 28.38
C SER F 86 -20.02 -9.46 29.37
N ARG F 87 -20.44 -8.31 28.85
CA ARG F 87 -21.09 -7.30 29.69
C ARG F 87 -21.85 -6.32 28.89
N SER F 88 -22.86 -5.76 29.58
CA SER F 88 -23.73 -4.79 29.03
C SER F 88 -22.97 -3.50 29.05
N VAL F 89 -23.09 -2.67 28.02
CA VAL F 89 -22.40 -1.37 28.07
C VAL F 89 -23.36 -0.24 27.76
N GLN F 90 -23.05 0.95 28.27
CA GLN F 90 -23.93 2.12 28.08
C GLN F 90 -23.46 3.08 27.00
N LEU F 91 -24.41 3.82 26.46
CA LEU F 91 -24.13 4.87 25.48
C LEU F 91 -23.58 6.09 26.19
N ASN F 92 -22.84 6.84 25.39
CA ASN F 92 -22.39 8.16 25.74
C ASN F 92 -21.57 8.22 27.01
N THR F 93 -20.81 7.15 27.30
CA THR F 93 -19.95 7.08 28.48
C THR F 93 -18.62 6.32 28.17
N PRO F 94 -17.48 6.81 28.67
CA PRO F 94 -16.22 6.10 28.53
C PRO F 94 -16.28 4.65 29.03
N ILE F 95 -15.79 3.72 28.21
CA ILE F 95 -15.80 2.30 28.44
C ILE F 95 -14.34 1.86 28.34
N GLN F 96 -13.79 1.27 29.40
CA GLN F 96 -12.43 0.75 29.33
C GLN F 96 -12.45 -0.69 28.84
N VAL F 97 -11.65 -1.00 27.83
CA VAL F 97 -11.46 -2.38 27.31
C VAL F 97 -9.99 -2.64 27.25
N GLY F 98 -9.49 -3.47 28.16
CA GLY F 98 -8.05 -3.54 28.43
C GLY F 98 -7.53 -2.12 28.64
N GLU F 99 -6.51 -1.68 27.90
CA GLU F 99 -6.00 -0.29 28.01
C GLU F 99 -6.56 0.70 26.96
N LEU F 100 -7.50 0.23 26.15
CA LEU F 100 -8.21 1.14 25.25
C LEU F 100 -9.38 1.80 25.97
N LEU F 101 -9.66 3.05 25.64
CA LEU F 101 -10.82 3.75 26.07
C LEU F 101 -11.67 4.14 24.85
N ILE F 102 -12.92 3.73 24.93
CA ILE F 102 -13.90 3.91 23.87
C ILE F 102 -15.22 4.51 24.36
N LEU F 103 -16.05 4.93 23.43
CA LEU F 103 -17.33 5.47 23.77
C LEU F 103 -18.24 5.12 22.59
N ILE F 104 -19.47 4.74 22.90
CA ILE F 104 -20.43 4.37 21.89
C ILE F 104 -21.54 5.44 21.92
N ARG F 105 -21.81 6.06 20.77
CA ARG F 105 -22.84 7.11 20.65
C ARG F 105 -23.83 6.82 19.56
N PRO F 106 -25.10 7.28 19.74
CA PRO F 106 -25.96 7.30 18.57
C PRO F 106 -25.31 8.17 17.54
N GLU F 107 -25.49 7.84 16.28
CA GLU F 107 -24.90 8.62 15.23
C GLU F 107 -25.43 10.04 15.25
N SER F 108 -26.71 10.22 15.61
CA SER F 108 -27.32 11.56 15.68
C SER F 108 -26.81 12.46 16.83
N GLU F 109 -26.05 11.92 17.77
CA GLU F 109 -25.56 12.69 18.93
C GLU F 109 -24.04 12.74 18.92
N PRO F 110 -23.48 13.87 18.41
CA PRO F 110 -22.03 13.99 18.31
C PRO F 110 -21.36 14.09 19.67
N TRP F 111 -20.11 13.67 19.68
CA TRP F 111 -19.24 13.74 20.81
C TRP F 111 -17.84 14.04 20.34
CA CA G . 2.79 38.14 -16.07
#